data_7B29
#
_entry.id   7B29
#
_cell.length_a   40.120
_cell.length_b   54.330
_cell.length_c   79.730
_cell.angle_alpha   90.000
_cell.angle_beta   90.000
_cell.angle_gamma   90.000
#
_symmetry.space_group_name_H-M   'P 21 21 21'
#
loop_
_entity.id
_entity.type
_entity.pdbx_description
1 polymer CirpA4
2 non-polymer 'CADMIUM ION'
3 non-polymer 'CHLORIDE ION'
4 water water
#
_entity_poly.entity_id   1
_entity_poly.type   'polypeptide(L)'
_entity_poly.pdbx_seq_one_letter_code
;MGNEQDSEIYRFDQFMNTDDYIWVFNTTQEGPKECEKDKKHNMTNDKIIFVRSHQEETKIVNETIIGDFFHYSDNKSVYD
GIYISGDKREVHAEHLYYSSEDMICGLVQVFARQTDAWTELRVRGRRSYKSLDEVCRTQYEKYVEAIKHTKTSTSPYRDD
CQ
;
_entity_poly.pdbx_strand_id   A
#
# COMPACT_ATOMS: atom_id res chain seq x y z
N GLU A 8 -11.01 -10.91 10.18
CA GLU A 8 -11.39 -9.94 11.19
C GLU A 8 -10.31 -8.88 11.40
N ILE A 9 -9.11 -9.40 11.58
CA ILE A 9 -7.97 -8.62 12.08
C ILE A 9 -6.86 -8.64 11.05
N TYR A 10 -6.43 -7.44 10.64
CA TYR A 10 -5.43 -7.28 9.59
C TYR A 10 -4.23 -6.55 10.18
N ARG A 11 -3.10 -7.24 10.28
CA ARG A 11 -1.92 -6.74 10.97
C ARG A 11 -1.00 -6.11 9.95
N PHE A 12 -0.87 -4.79 10.01
CA PHE A 12 0.01 -4.08 9.09
C PHE A 12 1.47 -4.44 9.32
N ASP A 13 1.86 -4.69 10.57
CA ASP A 13 3.24 -5.03 10.85
C ASP A 13 3.62 -6.38 10.24
N GLN A 14 2.67 -7.33 10.22
CA GLN A 14 2.95 -8.61 9.60
C GLN A 14 2.81 -8.56 8.08
N PHE A 15 1.90 -7.72 7.57
CA PHE A 15 1.80 -7.54 6.12
C PHE A 15 3.12 -7.08 5.52
N MET A 16 3.83 -6.19 6.21
CA MET A 16 5.10 -5.68 5.73
C MET A 16 6.29 -6.50 6.18
N ASN A 17 6.07 -7.57 6.97
CA ASN A 17 7.15 -8.44 7.42
C ASN A 17 7.46 -9.44 6.32
N THR A 18 8.24 -8.98 5.35
CA THR A 18 8.61 -9.79 4.19
C THR A 18 9.86 -9.18 3.57
N ASP A 19 10.62 -10.02 2.85
CA ASP A 19 11.75 -9.55 2.08
C ASP A 19 11.41 -9.26 0.63
N ASP A 20 10.19 -9.59 0.19
CA ASP A 20 9.83 -9.33 -1.19
C ASP A 20 9.34 -7.90 -1.35
N TYR A 21 9.30 -7.46 -2.61
CA TYR A 21 8.72 -6.16 -2.91
C TYR A 21 7.20 -6.22 -2.80
N ILE A 22 6.62 -5.16 -2.24
CA ILE A 22 5.17 -4.99 -2.18
C ILE A 22 4.81 -3.91 -3.20
N TRP A 23 4.14 -4.31 -4.27
CA TRP A 23 3.81 -3.47 -5.40
C TRP A 23 2.43 -2.85 -5.26
N VAL A 24 2.26 -1.65 -5.81
CA VAL A 24 0.95 -1.04 -5.95
C VAL A 24 0.36 -1.50 -7.28
N PHE A 25 -0.60 -2.42 -7.23
CA PHE A 25 -1.24 -2.95 -8.43
C PHE A 25 -2.38 -2.05 -8.91
N ASN A 26 -3.04 -1.35 -8.00
CA ASN A 26 -4.11 -0.43 -8.33
C ASN A 26 -4.15 0.68 -7.30
N THR A 27 -4.54 1.87 -7.75
CA THR A 27 -4.64 3.01 -6.84
C THR A 27 -5.73 3.95 -7.34
N THR A 28 -6.35 4.66 -6.40
CA THR A 28 -7.21 5.78 -6.75
C THR A 28 -6.53 7.12 -6.54
N GLN A 29 -5.23 7.14 -6.23
CA GLN A 29 -4.48 8.39 -6.21
C GLN A 29 -4.58 9.06 -7.57
N GLU A 30 -4.69 10.39 -7.57
CA GLU A 30 -4.94 11.10 -8.83
C GLU A 30 -3.73 11.09 -9.74
N GLY A 31 -2.55 11.38 -9.20
CA GLY A 31 -1.36 11.47 -10.03
C GLY A 31 -0.27 10.50 -9.65
N PRO A 32 -0.52 9.20 -9.82
CA PRO A 32 0.46 8.21 -9.35
C PRO A 32 1.63 8.08 -10.31
N LYS A 33 2.82 7.94 -9.73
CA LYS A 33 3.98 7.58 -10.53
C LYS A 33 3.90 6.10 -10.90
N GLU A 34 4.72 5.71 -11.87
CA GLU A 34 4.76 4.33 -12.30
C GLU A 34 5.65 3.48 -11.38
N CYS A 35 5.31 2.20 -11.30
CA CYS A 35 6.17 1.21 -10.65
C CYS A 35 6.32 1.47 -9.15
N GLU A 36 5.22 1.87 -8.50
CA GLU A 36 5.27 2.10 -7.06
C GLU A 36 5.45 0.78 -6.33
N LYS A 37 6.44 0.72 -5.44
CA LYS A 37 6.71 -0.49 -4.67
C LYS A 37 7.44 -0.13 -3.38
N ASP A 38 7.29 -1.01 -2.39
CA ASP A 38 7.95 -0.87 -1.09
C ASP A 38 8.85 -2.08 -0.85
N LYS A 39 9.99 -1.82 -0.20
CA LYS A 39 10.95 -2.88 0.12
C LYS A 39 11.46 -2.68 1.53
N LYS A 40 11.15 -3.62 2.42
CA LYS A 40 11.55 -3.51 3.81
C LYS A 40 13.08 -3.50 3.94
N HIS A 41 13.57 -2.58 4.76
CA HIS A 41 14.98 -2.56 5.13
C HIS A 41 15.22 -3.21 6.48
N ASN A 42 14.52 -2.75 7.51
CA ASN A 42 14.57 -3.46 8.79
C ASN A 42 13.34 -3.08 9.61
N MET A 43 13.18 -3.79 10.73
CA MET A 43 11.90 -3.77 11.43
C MET A 43 12.10 -4.15 12.89
N THR A 44 11.52 -3.36 13.79
CA THR A 44 11.32 -3.75 15.18
C THR A 44 9.84 -4.06 15.38
N ASN A 45 9.45 -4.27 16.64
CA ASN A 45 8.04 -4.52 16.93
C ASN A 45 7.18 -3.32 16.58
N ASP A 46 7.71 -2.10 16.79
CA ASP A 46 6.93 -0.88 16.69
C ASP A 46 7.28 -0.01 15.51
N LYS A 47 8.33 -0.34 14.75
CA LYS A 47 8.87 0.57 13.76
C LYS A 47 9.38 -0.23 12.57
N ILE A 48 9.25 0.33 11.37
CA ILE A 48 9.80 -0.26 10.16
C ILE A 48 10.50 0.82 9.35
N ILE A 49 11.69 0.51 8.86
CA ILE A 49 12.39 1.33 7.88
C ILE A 49 12.28 0.60 6.55
N PHE A 50 11.69 1.26 5.54
CA PHE A 50 11.60 0.63 4.23
C PHE A 50 11.87 1.65 3.13
N VAL A 51 12.10 1.15 1.92
CA VAL A 51 12.36 1.99 0.77
C VAL A 51 11.15 1.95 -0.12
N ARG A 52 10.60 3.12 -0.42
CA ARG A 52 9.45 3.30 -1.29
C ARG A 52 9.95 3.93 -2.59
N SER A 53 9.80 3.22 -3.70
CA SER A 53 10.38 3.68 -4.94
C SER A 53 9.32 3.81 -6.03
N HIS A 54 9.67 4.54 -7.07
CA HIS A 54 8.85 4.65 -8.26
C HIS A 54 9.77 4.88 -9.44
N GLN A 55 9.21 5.01 -10.64
CA GLN A 55 10.02 5.23 -11.83
C GLN A 55 9.62 6.51 -12.52
N GLU A 56 10.62 7.16 -13.13
CA GLU A 56 10.45 8.29 -14.03
C GLU A 56 11.02 7.83 -15.37
N GLU A 57 10.11 7.47 -16.28
CA GLU A 57 10.41 6.65 -17.45
C GLU A 57 11.42 5.57 -17.09
N THR A 58 12.71 5.87 -17.24
CA THR A 58 13.73 4.84 -17.10
C THR A 58 14.41 4.79 -15.75
N LYS A 59 14.42 5.89 -14.99
CA LYS A 59 15.17 5.92 -13.74
C LYS A 59 14.29 5.54 -12.56
N ILE A 60 14.85 4.76 -11.66
CA ILE A 60 14.16 4.44 -10.41
C ILE A 60 14.53 5.49 -9.37
N VAL A 61 13.55 5.87 -8.57
CA VAL A 61 13.69 6.92 -7.56
C VAL A 61 13.30 6.30 -6.22
N ASN A 62 14.23 6.33 -5.27
CA ASN A 62 14.07 5.70 -3.97
C ASN A 62 13.86 6.75 -2.89
N GLU A 63 12.89 6.51 -2.01
CA GLU A 63 12.64 7.34 -0.83
C GLU A 63 12.71 6.45 0.39
N THR A 64 13.51 6.85 1.38
CA THR A 64 13.58 6.09 2.62
C THR A 64 12.45 6.53 3.56
N ILE A 65 11.66 5.57 4.01
CA ILE A 65 10.47 5.81 4.81
C ILE A 65 10.70 5.30 6.23
N ILE A 66 10.38 6.16 7.19
CA ILE A 66 10.29 5.79 8.60
C ILE A 66 8.82 5.57 8.91
N GLY A 67 8.47 4.36 9.39
CA GLY A 67 7.09 4.05 9.68
C GLY A 67 6.88 3.60 11.11
N ASP A 68 5.95 4.24 11.80
CA ASP A 68 5.63 3.93 13.19
C ASP A 68 4.25 3.28 13.26
N PHE A 69 4.19 2.03 13.70
CA PHE A 69 2.91 1.34 13.76
C PHE A 69 2.06 1.92 14.89
N PHE A 70 0.74 1.97 14.66
CA PHE A 70 -0.18 2.46 15.67
C PHE A 70 -1.54 1.79 15.45
N HIS A 71 -2.48 2.09 16.35
CA HIS A 71 -3.80 1.47 16.35
C HIS A 71 -4.78 2.43 15.69
N TYR A 72 -5.06 2.18 14.41
CA TYR A 72 -5.99 3.03 13.68
C TYR A 72 -7.40 2.91 14.25
N SER A 73 -7.82 1.69 14.56
CA SER A 73 -9.14 1.44 15.13
C SER A 73 -9.10 1.57 16.65
N ASP A 74 -10.23 1.26 17.29
CA ASP A 74 -10.25 1.22 18.74
C ASP A 74 -9.61 -0.03 19.32
N ASN A 75 -9.17 -0.97 18.48
CA ASN A 75 -8.55 -2.22 18.93
C ASN A 75 -7.07 -1.98 19.18
N LYS A 76 -6.67 -1.96 20.45
CA LYS A 76 -5.30 -1.67 20.80
C LYS A 76 -4.42 -2.91 20.89
N SER A 77 -4.90 -4.06 20.41
CA SER A 77 -4.10 -5.27 20.33
C SER A 77 -3.55 -5.52 18.94
N VAL A 78 -3.83 -4.64 17.99
CA VAL A 78 -3.53 -4.87 16.58
C VAL A 78 -2.92 -3.61 15.99
N TYR A 79 -1.82 -3.77 15.26
CA TYR A 79 -1.20 -2.66 14.52
C TYR A 79 -1.79 -2.64 13.11
N ASP A 80 -2.88 -1.89 12.94
CA ASP A 80 -3.48 -1.73 11.62
C ASP A 80 -3.18 -0.38 11.01
N GLY A 81 -2.43 0.48 11.68
CA GLY A 81 -2.07 1.75 11.11
C GLY A 81 -0.58 1.97 11.11
N ILE A 82 -0.09 2.85 10.25
CA ILE A 82 1.32 3.22 10.25
C ILE A 82 1.44 4.71 9.94
N TYR A 83 2.24 5.41 10.74
CA TYR A 83 2.57 6.81 10.50
C TYR A 83 3.82 6.85 9.63
N ILE A 84 3.78 7.68 8.59
CA ILE A 84 4.77 7.65 7.51
C ILE A 84 5.54 8.95 7.52
N SER A 85 6.88 8.86 7.48
CA SER A 85 7.75 9.99 7.23
C SER A 85 8.68 9.66 6.06
N GLY A 86 8.90 10.65 5.20
CA GLY A 86 9.80 10.53 4.07
C GLY A 86 9.12 10.39 2.73
N ASP A 87 7.79 10.29 2.69
CA ASP A 87 7.05 10.11 1.45
C ASP A 87 6.79 11.46 0.81
N LYS A 88 7.35 11.68 -0.39
CA LYS A 88 7.27 12.97 -1.06
C LYS A 88 5.89 13.28 -1.64
N ARG A 89 4.97 12.31 -1.63
CA ARG A 89 3.57 12.65 -1.85
C ARG A 89 2.93 13.27 -0.60
N GLU A 90 3.72 13.41 0.47
CA GLU A 90 3.26 13.94 1.75
C GLU A 90 2.22 13.03 2.40
N VAL A 91 2.41 11.73 2.25
CA VAL A 91 1.57 10.77 2.96
C VAL A 91 1.90 10.84 4.44
N HIS A 92 0.89 11.08 5.26
CA HIS A 92 1.06 11.09 6.71
C HIS A 92 0.76 9.76 7.35
N ALA A 93 -0.24 9.04 6.85
CA ALA A 93 -0.62 7.81 7.53
C ALA A 93 -1.21 6.82 6.55
N GLU A 94 -1.19 5.54 6.94
CA GLU A 94 -1.78 4.48 6.13
C GLU A 94 -2.49 3.49 7.03
N HIS A 95 -3.57 2.91 6.50
CA HIS A 95 -4.45 2.02 7.26
C HIS A 95 -4.72 0.78 6.42
N LEU A 96 -4.32 -0.38 6.94
CA LEU A 96 -4.60 -1.65 6.28
C LEU A 96 -5.98 -2.11 6.67
N TYR A 97 -6.96 -2.02 5.76
CA TYR A 97 -8.32 -2.39 6.11
C TYR A 97 -8.72 -3.77 5.61
N TYR A 98 -7.87 -4.43 4.83
CA TYR A 98 -8.05 -5.84 4.54
C TYR A 98 -6.71 -6.43 4.11
N SER A 99 -6.46 -7.68 4.52
CA SER A 99 -5.40 -8.46 3.91
C SER A 99 -5.85 -9.91 3.80
N SER A 100 -5.38 -10.59 2.78
CA SER A 100 -5.66 -12.02 2.65
C SER A 100 -4.96 -12.77 3.78
N GLU A 101 -5.43 -14.01 4.02
CA GLU A 101 -4.86 -14.79 5.12
C GLU A 101 -3.37 -15.04 4.92
N ASP A 102 -2.93 -15.28 3.68
CA ASP A 102 -1.52 -15.44 3.42
C ASP A 102 -0.79 -14.12 3.24
N MET A 103 -1.50 -12.99 3.36
CA MET A 103 -0.94 -11.65 3.36
C MET A 103 -0.26 -11.29 2.04
N ILE A 104 -0.60 -11.99 0.97
CA ILE A 104 -0.08 -11.64 -0.35
C ILE A 104 -0.83 -10.42 -0.93
N CYS A 105 -2.10 -10.24 -0.59
CA CYS A 105 -2.90 -9.12 -1.08
C CYS A 105 -3.37 -8.28 0.09
N GLY A 106 -3.38 -6.96 -0.10
CA GLY A 106 -3.89 -6.06 0.94
C GLY A 106 -4.50 -4.81 0.35
N LEU A 107 -5.48 -4.25 1.07
CA LEU A 107 -6.11 -2.98 0.72
C LEU A 107 -5.73 -1.93 1.75
N VAL A 108 -5.22 -0.79 1.30
CA VAL A 108 -4.67 0.22 2.18
C VAL A 108 -5.31 1.57 1.88
N GLN A 109 -5.84 2.22 2.91
CA GLN A 109 -6.24 3.62 2.82
C GLN A 109 -5.02 4.49 3.11
N VAL A 110 -4.76 5.44 2.23
CA VAL A 110 -3.58 6.30 2.29
C VAL A 110 -4.06 7.72 2.56
N PHE A 111 -3.48 8.36 3.58
CA PHE A 111 -3.86 9.71 4.00
C PHE A 111 -2.67 10.64 3.85
N ALA A 112 -2.90 11.75 3.13
CA ALA A 112 -1.83 12.65 2.72
C ALA A 112 -2.29 14.10 2.89
N ARG A 113 -1.29 14.97 3.06
CA ARG A 113 -1.44 16.43 3.25
C ARG A 113 -2.49 16.65 4.35
N GLN A 114 -3.40 17.59 4.19
CA GLN A 114 -4.37 17.83 5.25
C GLN A 114 -5.63 17.00 5.07
N THR A 115 -6.14 16.92 3.83
CA THR A 115 -7.45 16.36 3.57
C THR A 115 -7.44 15.32 2.46
N ASP A 116 -6.27 14.92 1.96
CA ASP A 116 -6.21 14.02 0.83
C ASP A 116 -6.25 12.57 1.29
N ALA A 117 -6.93 11.73 0.52
CA ALA A 117 -7.06 10.32 0.84
C ALA A 117 -7.26 9.54 -0.45
N TRP A 118 -6.69 8.35 -0.51
CA TRP A 118 -6.95 7.44 -1.63
C TRP A 118 -6.78 6.00 -1.14
N THR A 119 -6.97 5.05 -2.04
CA THR A 119 -6.88 3.63 -1.70
C THR A 119 -5.91 2.94 -2.65
N GLU A 120 -5.16 1.98 -2.12
CA GLU A 120 -4.19 1.23 -2.91
C GLU A 120 -4.39 -0.27 -2.69
N LEU A 121 -4.34 -1.00 -3.78
CA LEU A 121 -4.32 -2.46 -3.77
C LEU A 121 -2.86 -2.87 -3.87
N ARG A 122 -2.32 -3.46 -2.80
CA ARG A 122 -0.90 -3.77 -2.68
C ARG A 122 -0.68 -5.27 -2.69
N VAL A 123 0.37 -5.72 -3.37
CA VAL A 123 0.59 -7.13 -3.67
C VAL A 123 2.02 -7.49 -3.33
N ARG A 124 2.20 -8.54 -2.54
CA ARG A 124 3.53 -9.04 -2.21
C ARG A 124 4.03 -9.90 -3.37
N GLY A 125 5.00 -9.38 -4.12
CA GLY A 125 5.62 -10.13 -5.20
C GLY A 125 4.87 -10.01 -6.51
N ARG A 126 5.60 -10.25 -7.60
CA ARG A 126 5.01 -10.17 -8.93
C ARG A 126 4.20 -11.43 -9.21
N ARG A 127 2.98 -11.23 -9.69
CA ARG A 127 2.05 -12.31 -9.94
C ARG A 127 0.90 -11.73 -10.74
N SER A 128 0.05 -12.61 -11.24
CA SER A 128 -1.08 -12.16 -12.03
C SER A 128 -2.17 -11.57 -11.13
N TYR A 129 -2.89 -10.58 -11.65
CA TYR A 129 -4.02 -10.02 -10.93
C TYR A 129 -5.10 -11.09 -10.68
N LYS A 130 -5.33 -11.96 -11.67
CA LYS A 130 -6.32 -13.02 -11.57
C LYS A 130 -6.03 -13.98 -10.41
N SER A 131 -4.76 -14.12 -10.03
CA SER A 131 -4.36 -15.05 -8.97
C SER A 131 -4.60 -14.49 -7.57
N LEU A 132 -4.96 -13.22 -7.45
CA LEU A 132 -5.07 -12.60 -6.14
C LEU A 132 -6.30 -13.10 -5.40
N ASP A 133 -6.22 -13.00 -4.06
CA ASP A 133 -7.33 -13.29 -3.16
C ASP A 133 -8.63 -12.67 -3.66
N GLU A 134 -9.68 -13.49 -3.76
CA GLU A 134 -10.90 -13.02 -4.38
C GLU A 134 -11.54 -11.89 -3.59
N VAL A 135 -11.53 -11.98 -2.26
CA VAL A 135 -12.17 -10.95 -1.45
C VAL A 135 -11.45 -9.61 -1.63
N CYS A 136 -10.11 -9.64 -1.58
CA CYS A 136 -9.28 -8.48 -1.90
C CYS A 136 -9.75 -7.81 -3.20
N ARG A 137 -9.76 -8.61 -4.28
CA ARG A 137 -10.14 -8.10 -5.59
C ARG A 137 -11.54 -7.51 -5.59
N THR A 138 -12.53 -8.26 -5.08
CA THR A 138 -13.92 -7.85 -5.25
C THR A 138 -14.24 -6.64 -4.37
N GLN A 139 -13.70 -6.58 -3.16
CA GLN A 139 -13.89 -5.39 -2.33
C GLN A 139 -13.34 -4.16 -3.04
N TYR A 140 -12.11 -4.26 -3.57
CA TYR A 140 -11.53 -3.12 -4.27
C TYR A 140 -12.36 -2.74 -5.49
N GLU A 141 -12.75 -3.74 -6.29
CA GLU A 141 -13.48 -3.47 -7.52
C GLU A 141 -14.85 -2.86 -7.25
N LYS A 142 -15.55 -3.36 -6.23
CA LYS A 142 -16.82 -2.78 -5.83
C LYS A 142 -16.66 -1.31 -5.47
N TYR A 143 -15.66 -1.01 -4.61
CA TYR A 143 -15.40 0.38 -4.26
C TYR A 143 -15.12 1.22 -5.51
N VAL A 144 -14.23 0.74 -6.39
CA VAL A 144 -13.86 1.48 -7.59
C VAL A 144 -15.10 1.80 -8.42
N GLU A 145 -15.93 0.78 -8.69
CA GLU A 145 -17.14 0.99 -9.47
C GLU A 145 -18.04 2.03 -8.80
N ALA A 146 -18.10 2.02 -7.47
CA ALA A 146 -19.03 2.92 -6.79
C ALA A 146 -18.59 4.38 -6.80
N ILE A 147 -17.29 4.67 -6.96
CA ILE A 147 -16.80 6.04 -6.88
C ILE A 147 -16.30 6.55 -8.22
N LYS A 148 -16.49 5.80 -9.30
CA LYS A 148 -15.81 6.10 -10.55
C LYS A 148 -16.25 7.43 -11.16
N HIS A 149 -17.39 7.98 -10.74
CA HIS A 149 -17.83 9.24 -11.32
C HIS A 149 -16.94 10.39 -10.89
N THR A 150 -16.29 10.29 -9.72
CA THR A 150 -15.46 11.36 -9.21
C THR A 150 -14.04 10.95 -8.91
N LYS A 151 -13.73 9.66 -8.80
CA LYS A 151 -12.40 9.18 -8.49
C LYS A 151 -12.05 8.06 -9.45
N THR A 152 -10.80 8.04 -9.91
CA THR A 152 -10.37 7.13 -10.96
C THR A 152 -9.33 6.16 -10.41
N SER A 153 -9.50 4.88 -10.75
CA SER A 153 -8.55 3.85 -10.37
C SER A 153 -7.68 3.50 -11.58
N THR A 154 -6.37 3.48 -11.38
CA THR A 154 -5.43 3.15 -12.43
C THR A 154 -4.41 2.18 -11.86
N SER A 155 -3.56 1.62 -12.74
CA SER A 155 -2.54 0.68 -12.28
C SER A 155 -1.15 1.26 -12.53
N PRO A 156 -0.39 1.61 -11.48
CA PRO A 156 1.01 2.01 -11.71
C PRO A 156 1.91 0.87 -12.13
N TYR A 157 1.48 -0.38 -11.98
CA TYR A 157 2.35 -1.51 -12.21
C TYR A 157 2.42 -1.89 -13.69
N ARG A 158 3.63 -2.12 -14.17
CA ARG A 158 3.86 -2.77 -15.45
C ARG A 158 4.75 -3.98 -15.22
N ASP A 159 4.61 -4.97 -16.10
CA ASP A 159 5.46 -6.14 -16.01
C ASP A 159 6.94 -5.77 -16.08
N ASP A 160 7.29 -4.79 -16.91
CA ASP A 160 8.69 -4.47 -17.13
C ASP A 160 9.24 -3.45 -16.13
N CYS A 161 8.49 -3.13 -15.08
CA CYS A 161 9.02 -2.35 -13.98
C CYS A 161 10.28 -3.00 -13.43
N GLN A 162 11.26 -2.18 -13.05
CA GLN A 162 12.52 -2.72 -12.55
C GLN A 162 12.35 -3.29 -11.15
#